data_6OVP
#
_entry.id   6OVP
#
_cell.length_a   67.920
_cell.length_b   67.920
_cell.length_c   117.040
_cell.angle_alpha   90.00
_cell.angle_beta   90.00
_cell.angle_gamma   120.00
#
_symmetry.space_group_name_H-M   'P 31 2 1'
#
loop_
_entity.id
_entity.type
_entity.pdbx_description
1 polymer 'Fatty acid-binding protein'
2 non-polymer 'PHOSPHATE ION'
3 water water
#
_entity_poly.entity_id   1
_entity_poly.type   'polypeptide(L)'
_entity_poly.pdbx_seq_one_letter_code
;MSLKVDGFTSSIIFDVIRDGLNDPSQAKQKAESIKKANAIIVFNLKNKAGKTESWYLDLKNDGDVGKGNKSPKGDADIQL
TLSDDHFQQLVEGKANAQRLFMTGKLKVKGNVMKAAAIEGILKNAQNNL
;
_entity_poly.pdbx_strand_id   A,B
#
# COMPACT_ATOMS: atom_id res chain seq x y z
N MET A 1 14.68 -15.92 4.94
CA MET A 1 13.95 -15.36 6.09
C MET A 1 12.61 -14.83 5.64
N SER A 2 11.56 -15.62 5.77
CA SER A 2 10.22 -15.06 5.69
C SER A 2 9.92 -14.41 7.03
N LEU A 3 9.72 -13.08 7.01
CA LEU A 3 9.73 -12.31 8.24
C LEU A 3 8.40 -12.39 8.98
N LYS A 4 7.33 -12.76 8.28
CA LYS A 4 6.04 -12.91 8.93
C LYS A 4 6.11 -14.02 9.96
N VAL A 5 5.28 -13.90 11.00
CA VAL A 5 5.29 -14.80 12.13
C VAL A 5 3.85 -15.26 12.38
N ASP A 6 3.68 -16.53 12.73
CA ASP A 6 2.34 -17.02 13.04
C ASP A 6 1.79 -16.28 14.24
N GLY A 7 0.49 -16.03 14.23
CA GLY A 7 -0.16 -15.28 15.26
C GLY A 7 -0.18 -13.78 15.04
N PHE A 8 0.56 -13.30 14.05
CA PHE A 8 0.59 -11.88 13.68
C PHE A 8 0.18 -11.82 12.22
N THR A 9 -1.14 -11.69 12.04
CA THR A 9 -1.75 -11.67 10.72
C THR A 9 -1.20 -10.53 9.86
N SER A 10 -0.81 -9.41 10.48
CA SER A 10 -0.31 -8.27 9.72
C SER A 10 1.13 -8.43 9.26
N SER A 11 1.87 -9.41 9.80
CA SER A 11 3.31 -9.35 9.66
C SER A 11 3.80 -9.67 8.25
N ILE A 12 2.93 -10.18 7.38
CA ILE A 12 3.32 -10.37 5.98
C ILE A 12 3.78 -9.05 5.36
N ILE A 13 3.33 -7.90 5.89
CA ILE A 13 3.72 -6.63 5.28
C ILE A 13 5.22 -6.44 5.37
N PHE A 14 5.86 -7.03 6.37
CA PHE A 14 7.32 -6.90 6.45
C PHE A 14 8.00 -7.66 5.30
N ASP A 15 7.44 -8.79 4.89
CA ASP A 15 7.92 -9.47 3.68
C ASP A 15 7.66 -8.62 2.44
N VAL A 16 6.46 -8.04 2.36
CA VAL A 16 6.11 -7.17 1.23
C VAL A 16 7.09 -6.00 1.17
N ILE A 17 7.31 -5.33 2.30
CA ILE A 17 8.18 -4.16 2.30
C ILE A 17 9.60 -4.53 1.89
N ARG A 18 10.12 -5.63 2.45
CA ARG A 18 11.48 -6.04 2.10
C ARG A 18 11.61 -6.26 0.60
N ASP A 19 10.70 -7.04 0.01
CA ASP A 19 10.75 -7.31 -1.42
C ASP A 19 10.62 -6.03 -2.23
N GLY A 20 9.67 -5.17 -1.88
CA GLY A 20 9.48 -3.95 -2.67
C GLY A 20 10.66 -3.01 -2.52
N LEU A 21 11.24 -2.96 -1.31
CA LEU A 21 12.42 -2.11 -1.10
C LEU A 21 13.65 -2.67 -1.79
N ASN A 22 13.84 -3.99 -1.73
CA ASN A 22 15.06 -4.60 -2.24
C ASN A 22 15.01 -4.92 -3.73
N ASP A 23 13.85 -4.73 -4.38
CA ASP A 23 13.70 -5.03 -5.79
C ASP A 23 14.74 -4.25 -6.61
N PRO A 24 15.65 -4.95 -7.30
CA PRO A 24 16.68 -4.24 -8.08
C PRO A 24 16.13 -3.29 -9.11
N SER A 25 14.97 -3.57 -9.66
CA SER A 25 14.38 -2.63 -10.61
C SER A 25 13.79 -1.40 -9.92
N GLN A 26 13.87 -1.31 -8.59
CA GLN A 26 13.41 -0.13 -7.86
C GLN A 26 14.54 0.58 -7.13
N ALA A 27 15.75 0.54 -7.68
CA ALA A 27 16.90 1.15 -7.03
C ALA A 27 16.65 2.61 -6.67
N LYS A 28 15.82 3.31 -7.45
CA LYS A 28 15.60 4.72 -7.16
C LYS A 28 14.49 4.93 -6.13
N GLN A 29 13.42 4.13 -6.17
CA GLN A 29 12.45 4.13 -5.08
C GLN A 29 13.14 3.87 -3.74
N LYS A 30 13.97 2.83 -3.69
CA LYS A 30 14.76 2.55 -2.49
C LYS A 30 15.56 3.78 -2.06
N ALA A 31 16.27 4.38 -3.00
CA ALA A 31 17.22 5.44 -2.68
C ALA A 31 16.53 6.68 -2.11
N GLU A 32 15.29 6.94 -2.52
CA GLU A 32 14.58 8.10 -1.98
C GLU A 32 13.95 7.82 -0.62
N SER A 33 13.47 6.60 -0.37
CA SER A 33 12.90 6.34 0.95
C SER A 33 13.99 6.31 2.01
N ILE A 34 15.22 5.98 1.62
CA ILE A 34 16.33 6.10 2.54
C ILE A 34 16.72 7.56 2.71
N LYS A 35 16.57 8.38 1.66
CA LYS A 35 17.05 9.74 1.71
C LYS A 35 16.11 10.66 2.48
N LYS A 36 14.79 10.47 2.32
CA LYS A 36 13.84 11.30 3.06
C LYS A 36 13.50 10.74 4.45
N ALA A 37 13.18 9.45 4.53
CA ALA A 37 12.74 8.89 5.81
C ALA A 37 13.84 9.00 6.85
N ASN A 38 15.06 8.61 6.46
CA ASN A 38 16.26 8.89 7.24
C ASN A 38 16.13 8.48 8.71
N ALA A 39 15.70 7.24 8.94
CA ALA A 39 15.54 6.71 10.29
C ALA A 39 15.47 5.18 10.24
N ILE A 40 15.90 4.56 11.35
CA ILE A 40 15.54 3.16 11.62
C ILE A 40 14.25 3.17 12.44
N ILE A 41 13.25 2.43 11.98
CA ILE A 41 11.96 2.32 12.66
C ILE A 41 11.75 0.89 13.13
N VAL A 42 11.41 0.73 14.40
CA VAL A 42 11.04 -0.56 14.97
C VAL A 42 9.53 -0.61 15.17
N PHE A 43 8.93 -1.75 14.82
CA PHE A 43 7.52 -2.01 15.07
C PHE A 43 7.40 -3.05 16.16
N ASN A 44 6.75 -2.68 17.26
CA ASN A 44 6.41 -3.60 18.34
C ASN A 44 4.93 -3.95 18.19
N LEU A 45 4.67 -5.15 17.69
CA LEU A 45 3.30 -5.60 17.48
C LEU A 45 2.85 -6.44 18.67
N LYS A 46 1.58 -6.30 19.04
CA LYS A 46 0.96 -7.02 20.15
C LYS A 46 -0.29 -7.70 19.65
N ASN A 47 -0.46 -8.98 19.96
CA ASN A 47 -1.64 -9.68 19.49
C ASN A 47 -2.60 -9.94 20.65
N LYS A 48 -3.78 -10.45 20.29
CA LYS A 48 -4.79 -10.73 21.30
C LYS A 48 -4.50 -12.00 22.08
N ALA A 49 -3.40 -12.69 21.79
CA ALA A 49 -2.91 -13.79 22.62
C ALA A 49 -1.92 -13.32 23.66
N GLY A 50 -1.64 -12.02 23.71
CA GLY A 50 -0.74 -11.46 24.69
C GLY A 50 0.71 -11.41 24.29
N LYS A 51 1.06 -11.83 23.09
CA LYS A 51 2.48 -11.87 22.72
C LYS A 51 2.91 -10.60 21.99
N THR A 52 4.22 -10.35 22.04
CA THR A 52 4.90 -9.23 21.40
C THR A 52 5.90 -9.78 20.39
N GLU A 53 5.86 -9.26 19.16
CA GLU A 53 6.90 -9.50 18.16
C GLU A 53 7.32 -8.16 17.58
N SER A 54 8.61 -8.03 17.27
CA SER A 54 9.14 -6.80 16.74
C SER A 54 9.87 -7.01 15.43
N TRP A 55 9.88 -5.95 14.62
CA TRP A 55 10.59 -5.89 13.36
C TRP A 55 11.23 -4.52 13.26
N TYR A 56 12.30 -4.43 12.49
CA TYR A 56 12.98 -3.18 12.25
C TYR A 56 12.95 -2.85 10.77
N LEU A 57 12.87 -1.56 10.46
CA LEU A 57 12.89 -1.09 9.08
C LEU A 57 13.98 -0.03 9.03
N ASP A 58 15.18 -0.45 8.65
CA ASP A 58 16.34 0.46 8.55
C ASP A 58 16.20 1.26 7.26
N LEU A 59 15.79 2.53 7.35
CA LEU A 59 15.68 3.37 6.16
C LEU A 59 16.53 4.62 6.21
N LYS A 60 17.74 4.52 6.76
CA LYS A 60 18.65 5.65 6.80
C LYS A 60 20.07 5.27 6.38
N ASN A 61 20.40 3.98 6.44
CA ASN A 61 21.65 3.45 5.91
C ASN A 61 21.41 2.90 4.50
N ASP A 62 21.36 1.57 4.32
CA ASP A 62 21.17 1.04 2.98
C ASP A 62 19.81 0.40 2.75
N GLY A 63 18.97 0.28 3.77
CA GLY A 63 17.56 -0.02 3.56
C GLY A 63 17.09 -1.45 3.77
N ASP A 64 17.34 -2.04 4.93
CA ASP A 64 17.04 -3.44 5.13
C ASP A 64 15.86 -3.57 6.09
N VAL A 65 15.11 -4.65 5.92
CA VAL A 65 13.98 -4.99 6.78
C VAL A 65 14.29 -6.32 7.45
N GLY A 66 14.04 -6.42 8.75
CA GLY A 66 14.26 -7.69 9.40
C GLY A 66 13.54 -7.84 10.72
N LYS A 67 13.76 -9.01 11.31
CA LYS A 67 13.13 -9.41 12.56
C LYS A 67 13.90 -8.88 13.76
N GLY A 68 13.17 -8.48 14.80
CA GLY A 68 13.77 -8.03 16.03
C GLY A 68 13.60 -6.53 16.22
N ASN A 69 13.89 -6.09 17.42
CA ASN A 69 13.74 -4.69 17.80
C ASN A 69 15.05 -3.91 17.70
N LYS A 70 16.06 -4.47 17.04
CA LYS A 70 17.32 -3.77 16.86
C LYS A 70 17.82 -4.00 15.44
N SER A 71 18.07 -2.89 14.72
CA SER A 71 18.79 -2.79 13.46
C SER A 71 20.27 -3.10 13.64
N PRO A 72 20.87 -3.88 12.75
CA PRO A 72 22.32 -4.13 12.85
C PRO A 72 23.24 -2.95 12.50
N LYS A 73 22.85 -2.00 11.63
CA LYS A 73 23.72 -0.84 11.33
C LYS A 73 23.17 0.37 12.06
N GLY A 74 23.81 0.77 13.14
CA GLY A 74 23.24 1.77 14.02
C GLY A 74 22.01 1.13 14.65
N ASP A 75 21.38 1.75 15.64
CA ASP A 75 20.19 1.12 16.18
C ASP A 75 19.03 2.09 16.23
N ALA A 76 17.91 1.58 16.75
CA ALA A 76 16.59 2.14 16.48
C ALA A 76 16.52 3.62 16.82
N ASP A 77 15.85 4.36 15.95
CA ASP A 77 15.57 5.78 16.13
C ASP A 77 14.17 6.06 16.66
N ILE A 78 13.15 5.35 16.17
CA ILE A 78 11.77 5.54 16.59
C ILE A 78 11.12 4.16 16.71
N GLN A 79 10.23 4.00 17.70
CA GLN A 79 9.56 2.75 17.97
C GLN A 79 8.05 2.93 17.98
N LEU A 80 7.34 2.09 17.23
CA LEU A 80 5.89 2.11 17.12
C LEU A 80 5.31 0.85 17.72
N THR A 81 4.38 1.00 18.67
CA THR A 81 3.71 -0.11 19.34
C THR A 81 2.22 -0.04 19.05
N LEU A 82 1.69 -1.12 18.52
CA LEU A 82 0.27 -1.18 18.21
C LEU A 82 -0.12 -2.63 18.10
N SER A 83 -1.43 -2.85 18.03
CA SER A 83 -1.94 -4.22 17.94
C SER A 83 -1.77 -4.76 16.51
N ASP A 84 -1.84 -6.08 16.41
CA ASP A 84 -1.76 -6.72 15.09
C ASP A 84 -2.96 -6.33 14.22
N ASP A 85 -4.16 -6.24 14.81
CA ASP A 85 -5.34 -5.88 14.02
C ASP A 85 -5.27 -4.45 13.55
N HIS A 86 -4.81 -3.54 14.40
CA HIS A 86 -4.77 -2.14 14.02
C HIS A 86 -3.65 -1.88 13.02
N PHE A 87 -2.52 -2.58 13.18
CA PHE A 87 -1.45 -2.46 12.20
C PHE A 87 -1.91 -2.98 10.84
N GLN A 88 -2.62 -4.11 10.83
CA GLN A 88 -3.15 -4.60 9.57
C GLN A 88 -4.14 -3.61 8.97
N GLN A 89 -4.98 -2.99 9.82
CA GLN A 89 -5.86 -1.96 9.28
C GLN A 89 -5.06 -0.82 8.71
N LEU A 90 -4.02 -0.39 9.42
CA LEU A 90 -3.19 0.71 8.95
C LEU A 90 -2.53 0.37 7.61
N VAL A 91 -1.99 -0.84 7.49
CA VAL A 91 -1.26 -1.20 6.28
C VAL A 91 -2.20 -1.32 5.09
N GLU A 92 -3.38 -1.90 5.30
CA GLU A 92 -4.39 -2.09 4.25
C GLU A 92 -5.13 -0.82 3.86
N GLY A 93 -4.89 0.30 4.54
CA GLY A 93 -5.53 1.56 4.20
C GLY A 93 -6.87 1.80 4.84
N LYS A 94 -7.26 0.99 5.83
CA LYS A 94 -8.55 1.11 6.50
C LYS A 94 -8.45 1.77 7.88
N ALA A 95 -7.33 2.42 8.19
CA ALA A 95 -7.16 3.16 9.44
C ALA A 95 -6.09 4.22 9.24
N ASN A 96 -6.20 5.31 9.99
CA ASN A 96 -5.31 6.46 9.88
C ASN A 96 -4.35 6.49 11.06
N ALA A 97 -3.06 6.71 10.77
CA ALA A 97 -2.02 6.61 11.79
C ALA A 97 -2.16 7.65 12.90
N GLN A 98 -2.41 8.91 12.54
CA GLN A 98 -2.47 9.91 13.60
C GLN A 98 -3.77 9.75 14.39
N ARG A 99 -4.82 9.25 13.77
CA ARG A 99 -5.93 8.92 14.63
C ARG A 99 -5.73 7.65 15.47
N LEU A 100 -5.05 6.63 14.97
CA LEU A 100 -4.65 5.56 15.89
C LEU A 100 -3.87 6.15 17.07
N PHE A 101 -3.06 7.16 16.80
CA PHE A 101 -2.27 7.80 17.86
C PHE A 101 -3.15 8.55 18.86
N MET A 102 -4.04 9.42 18.39
CA MET A 102 -4.81 10.28 19.29
CA MET A 102 -4.73 10.26 19.35
C MET A 102 -5.72 9.47 20.20
N THR A 103 -6.07 8.26 19.80
CA THR A 103 -6.95 7.39 20.56
C THR A 103 -6.19 6.38 21.40
N GLY A 104 -4.87 6.50 21.50
CA GLY A 104 -4.13 5.58 22.34
C GLY A 104 -3.92 4.21 21.75
N LYS A 105 -4.31 3.98 20.48
CA LYS A 105 -4.15 2.67 19.86
C LYS A 105 -2.73 2.48 19.33
N LEU A 106 -2.05 3.57 19.03
CA LEU A 106 -0.69 3.51 18.54
C LEU A 106 0.17 4.36 19.46
N LYS A 107 1.24 3.76 19.98
CA LYS A 107 2.18 4.46 20.84
C LYS A 107 3.50 4.70 20.13
N VAL A 108 4.11 5.84 20.43
CA VAL A 108 5.33 6.32 19.76
C VAL A 108 6.36 6.57 20.84
N LYS A 109 7.45 5.81 20.82
CA LYS A 109 8.61 6.02 21.69
C LYS A 109 9.83 6.37 20.84
N GLY A 110 10.73 7.15 21.42
CA GLY A 110 11.93 7.58 20.72
C GLY A 110 11.94 9.02 20.24
N ASN A 111 12.58 9.24 19.09
CA ASN A 111 12.99 10.56 18.62
C ASN A 111 11.92 11.14 17.68
N VAL A 112 11.34 12.30 18.04
CA VAL A 112 10.33 13.00 17.23
C VAL A 112 10.97 13.52 15.97
N MET A 113 12.28 13.58 16.05
CA MET A 113 13.16 14.26 15.12
C MET A 113 13.29 13.48 13.83
N LYS A 114 13.30 12.15 13.98
CA LYS A 114 13.21 11.14 12.92
C LYS A 114 11.77 10.73 12.66
N ALA A 115 10.95 10.74 13.71
CA ALA A 115 9.58 10.27 13.64
C ALA A 115 8.75 11.10 12.67
N ALA A 116 8.93 12.42 12.68
CA ALA A 116 8.14 13.29 11.84
C ALA A 116 8.17 12.86 10.36
N ALA A 117 9.35 12.52 9.85
CA ALA A 117 9.46 11.95 8.51
C ALA A 117 9.49 10.42 8.60
N ILE A 118 8.65 9.74 7.82
CA ILE A 118 8.60 8.28 7.96
C ILE A 118 8.47 7.53 6.64
N MET B 1 -13.53 6.95 -21.46
CA MET B 1 -14.30 6.14 -22.40
C MET B 1 -15.40 5.46 -21.64
N SER B 2 -16.12 4.55 -22.28
CA SER B 2 -16.74 3.45 -21.54
C SER B 2 -15.58 2.51 -21.30
N LEU B 3 -15.25 2.25 -20.03
CA LEU B 3 -13.95 1.66 -19.71
C LEU B 3 -13.90 0.15 -19.87
N LYS B 4 -15.05 -0.52 -19.92
CA LYS B 4 -15.08 -1.96 -20.12
C LYS B 4 -14.43 -2.34 -21.45
N VAL B 5 -13.70 -3.47 -21.46
CA VAL B 5 -12.98 -3.94 -22.62
C VAL B 5 -13.25 -5.43 -22.77
N ASP B 6 -13.43 -5.86 -24.02
CA ASP B 6 -13.61 -7.29 -24.31
C ASP B 6 -12.37 -8.08 -23.92
N GLY B 7 -12.59 -9.27 -23.38
CA GLY B 7 -11.51 -10.13 -22.94
C GLY B 7 -11.05 -9.91 -21.51
N PHE B 8 -11.51 -8.84 -20.86
CA PHE B 8 -11.13 -8.55 -19.49
C PHE B 8 -12.42 -8.44 -18.68
N THR B 9 -12.81 -9.57 -18.10
CA THR B 9 -14.07 -9.66 -17.36
C THR B 9 -14.15 -8.64 -16.23
N SER B 10 -13.03 -8.35 -15.60
CA SER B 10 -13.07 -7.45 -14.46
C SER B 10 -13.19 -5.99 -14.86
N SER B 11 -13.06 -5.67 -16.15
CA SER B 11 -12.84 -4.27 -16.51
C SER B 11 -14.08 -3.40 -16.35
N ILE B 12 -15.29 -4.00 -16.26
CA ILE B 12 -16.50 -3.24 -15.95
C ILE B 12 -16.38 -2.52 -14.60
N ILE B 13 -15.51 -3.03 -13.72
CA ILE B 13 -15.27 -2.44 -12.41
C ILE B 13 -14.75 -1.01 -12.53
N PHE B 14 -13.98 -0.71 -13.57
CA PHE B 14 -13.50 0.66 -13.71
C PHE B 14 -14.66 1.64 -14.03
N ASP B 15 -15.65 1.19 -14.80
CA ASP B 15 -16.82 2.05 -15.06
C ASP B 15 -17.54 2.38 -13.77
N VAL B 16 -17.72 1.39 -12.90
CA VAL B 16 -18.38 1.63 -11.61
C VAL B 16 -17.55 2.57 -10.74
N ILE B 17 -16.23 2.34 -10.67
CA ILE B 17 -15.37 3.19 -9.85
C ILE B 17 -15.38 4.64 -10.35
N ARG B 18 -15.29 4.84 -11.67
CA ARG B 18 -15.34 6.21 -12.19
C ARG B 18 -16.62 6.92 -11.78
N ASP B 19 -17.76 6.26 -11.97
CA ASP B 19 -19.05 6.86 -11.63
C ASP B 19 -19.11 7.25 -10.16
N GLY B 20 -18.67 6.35 -9.27
CA GLY B 20 -18.74 6.67 -7.86
C GLY B 20 -17.77 7.75 -7.43
N LEU B 21 -16.58 7.78 -8.03
CA LEU B 21 -15.62 8.82 -7.72
C LEU B 21 -16.09 10.20 -8.21
N ASN B 22 -16.66 10.24 -9.42
CA ASN B 22 -17.02 11.48 -10.12
C ASN B 22 -18.39 12.02 -9.73
N ASP B 23 -19.16 11.24 -8.98
CA ASP B 23 -20.48 11.63 -8.54
C ASP B 23 -20.39 13.00 -7.89
N PRO B 24 -21.09 14.02 -8.43
CA PRO B 24 -20.98 15.36 -7.86
C PRO B 24 -21.33 15.43 -6.39
N SER B 25 -22.23 14.56 -5.93
CA SER B 25 -22.59 14.53 -4.50
C SER B 25 -21.54 13.87 -3.62
N GLN B 26 -20.40 13.43 -4.15
CA GLN B 26 -19.34 12.85 -3.33
C GLN B 26 -18.08 13.69 -3.37
N ALA B 27 -18.25 15.00 -3.61
CA ALA B 27 -17.12 15.92 -3.71
C ALA B 27 -16.21 15.81 -2.51
N LYS B 28 -16.77 15.46 -1.34
CA LYS B 28 -15.96 15.44 -0.13
C LYS B 28 -15.07 14.23 -0.08
N GLN B 29 -15.61 13.07 -0.41
CA GLN B 29 -14.77 11.91 -0.25
C GLN B 29 -13.74 11.88 -1.40
N LYS B 30 -14.15 12.32 -2.60
CA LYS B 30 -13.18 12.47 -3.68
C LYS B 30 -11.99 13.27 -3.17
N ALA B 31 -12.25 14.43 -2.57
CA ALA B 31 -11.17 15.28 -2.10
C ALA B 31 -10.40 14.59 -0.97
N GLU B 32 -11.09 13.75 -0.20
CA GLU B 32 -10.42 13.01 0.86
C GLU B 32 -9.60 11.86 0.29
N SER B 33 -10.11 11.17 -0.75
CA SER B 33 -9.31 10.11 -1.33
C SER B 33 -8.12 10.67 -2.09
N ILE B 34 -8.24 11.88 -2.64
CA ILE B 34 -7.08 12.45 -3.34
C ILE B 34 -6.00 12.85 -2.36
N LYS B 35 -6.38 13.32 -1.17
CA LYS B 35 -5.38 13.78 -0.22
C LYS B 35 -4.73 12.60 0.49
N LYS B 36 -5.45 11.49 0.67
CA LYS B 36 -4.86 10.30 1.27
C LYS B 36 -4.00 9.53 0.27
N ALA B 37 -4.57 9.18 -0.89
CA ALA B 37 -3.84 8.38 -1.87
C ALA B 37 -2.66 9.14 -2.47
N ASN B 38 -2.91 10.37 -2.93
CA ASN B 38 -1.85 11.25 -3.44
C ASN B 38 -0.98 10.50 -4.45
N ALA B 39 -1.64 9.86 -5.42
CA ALA B 39 -0.91 9.06 -6.40
C ALA B 39 -1.77 8.81 -7.62
N ILE B 40 -1.12 8.70 -8.76
CA ILE B 40 -1.70 8.09 -9.95
C ILE B 40 -1.37 6.61 -9.87
N ILE B 41 -2.40 5.76 -9.94
CA ILE B 41 -2.23 4.31 -9.87
C ILE B 41 -2.66 3.75 -11.22
N VAL B 42 -1.77 2.98 -11.86
CA VAL B 42 -2.08 2.28 -13.09
C VAL B 42 -2.25 0.78 -12.82
N PHE B 43 -3.29 0.21 -13.41
CA PHE B 43 -3.56 -1.22 -13.38
C PHE B 43 -3.25 -1.75 -14.76
N ASN B 44 -2.29 -2.66 -14.83
CA ASN B 44 -1.99 -3.41 -16.05
C ASN B 44 -2.55 -4.81 -15.87
N LEU B 45 -3.69 -5.06 -16.51
CA LEU B 45 -4.34 -6.36 -16.42
C LEU B 45 -3.90 -7.26 -17.58
N LYS B 46 -3.78 -8.55 -17.26
CA LYS B 46 -3.33 -9.57 -18.21
C LYS B 46 -4.41 -10.65 -18.27
N ASN B 47 -4.80 -11.03 -19.49
CA ASN B 47 -5.89 -12.00 -19.56
C ASN B 47 -5.36 -13.36 -19.99
N LYS B 48 -6.25 -14.33 -19.89
CA LYS B 48 -5.94 -15.67 -20.34
C LYS B 48 -5.99 -15.76 -21.86
N ALA B 49 -6.05 -14.64 -22.61
CA ALA B 49 -5.73 -14.65 -24.03
C ALA B 49 -4.32 -14.14 -24.29
N GLY B 50 -3.55 -13.75 -23.26
CA GLY B 50 -2.24 -13.21 -23.51
C GLY B 50 -2.17 -11.69 -23.70
N LYS B 51 -3.27 -10.96 -23.55
CA LYS B 51 -3.29 -9.53 -23.82
C LYS B 51 -3.06 -8.71 -22.56
N THR B 52 -2.67 -7.45 -22.78
CA THR B 52 -2.49 -6.45 -21.74
C THR B 52 -3.41 -5.26 -22.02
N GLU B 53 -4.21 -4.88 -21.03
CA GLU B 53 -4.98 -3.65 -21.06
C GLU B 53 -4.70 -2.90 -19.78
N SER B 54 -4.65 -1.55 -19.88
CA SER B 54 -4.36 -0.74 -18.72
C SER B 54 -5.44 0.31 -18.49
N TRP B 55 -5.55 0.70 -17.21
CA TRP B 55 -6.45 1.72 -16.72
C TRP B 55 -5.70 2.54 -15.69
N TYR B 56 -6.08 3.81 -15.53
CA TYR B 56 -5.47 4.68 -14.54
C TYR B 56 -6.52 5.25 -13.58
N LEU B 57 -6.08 5.45 -12.35
CA LEU B 57 -6.91 5.99 -11.28
C LEU B 57 -6.08 7.14 -10.72
N ASP B 58 -6.38 8.34 -11.20
CA ASP B 58 -5.69 9.57 -10.79
C ASP B 58 -6.28 10.01 -9.47
N LEU B 59 -5.56 9.74 -8.39
CA LEU B 59 -5.93 10.21 -7.06
C LEU B 59 -4.88 11.16 -6.49
N LYS B 60 -4.26 11.96 -7.35
CA LYS B 60 -3.31 12.99 -6.98
C LYS B 60 -3.68 14.38 -7.48
N ASN B 61 -4.33 14.49 -8.63
CA ASN B 61 -4.73 15.77 -9.18
C ASN B 61 -6.20 16.05 -8.90
N ASP B 62 -7.08 15.88 -9.90
CA ASP B 62 -8.47 16.25 -9.71
C ASP B 62 -9.44 15.07 -9.61
N GLY B 63 -8.98 13.84 -9.83
CA GLY B 63 -9.86 12.72 -9.52
C GLY B 63 -10.49 12.19 -10.79
N ASP B 64 -9.75 11.35 -11.50
CA ASP B 64 -10.19 10.83 -12.78
C ASP B 64 -9.88 9.34 -12.82
N VAL B 65 -10.73 8.60 -13.51
CA VAL B 65 -10.47 7.21 -13.86
C VAL B 65 -10.57 7.14 -15.37
N GLY B 66 -9.62 6.45 -16.01
CA GLY B 66 -9.71 6.36 -17.45
C GLY B 66 -8.90 5.21 -18.00
N LYS B 67 -8.92 5.13 -19.33
CA LYS B 67 -8.24 4.08 -20.08
C LYS B 67 -6.78 4.45 -20.30
N GLY B 68 -5.90 3.45 -20.26
CA GLY B 68 -4.50 3.65 -20.60
C GLY B 68 -3.58 3.50 -19.41
N ASN B 69 -2.28 3.44 -19.73
CA ASN B 69 -1.24 3.25 -18.73
C ASN B 69 -0.58 4.55 -18.29
N LYS B 70 -1.16 5.68 -18.70
CA LYS B 70 -0.71 6.99 -18.25
C LYS B 70 -1.93 7.87 -18.05
N SER B 71 -2.00 8.52 -16.90
CA SER B 71 -2.96 9.60 -16.73
C SER B 71 -2.55 10.77 -17.64
N PRO B 72 -3.52 11.48 -18.23
CA PRO B 72 -3.14 12.66 -19.02
C PRO B 72 -2.57 13.77 -18.16
N LYS B 73 -2.81 13.75 -16.84
CA LYS B 73 -2.36 14.79 -15.95
C LYS B 73 -1.09 14.44 -15.17
N GLY B 74 -0.25 13.57 -15.71
CA GLY B 74 0.91 13.12 -14.93
C GLY B 74 1.30 11.71 -15.29
N ASP B 75 2.37 11.25 -14.64
CA ASP B 75 2.82 9.89 -14.85
C ASP B 75 2.57 9.09 -13.59
N ALA B 76 2.60 7.78 -13.77
CA ALA B 76 2.12 6.87 -12.72
C ALA B 76 3.04 6.95 -11.51
N ASP B 77 2.44 6.94 -10.33
CA ASP B 77 3.18 6.81 -9.09
C ASP B 77 3.29 5.34 -8.70
N ILE B 78 2.29 4.54 -9.08
CA ILE B 78 2.26 3.11 -8.81
C ILE B 78 1.72 2.40 -10.05
N GLN B 79 2.29 1.22 -10.32
CA GLN B 79 1.82 0.36 -11.38
C GLN B 79 1.52 -0.99 -10.74
N LEU B 80 0.32 -1.52 -10.98
CA LEU B 80 -0.03 -2.83 -10.47
C LEU B 80 -0.28 -3.71 -11.67
N THR B 81 0.44 -4.82 -11.75
CA THR B 81 0.31 -5.77 -12.86
C THR B 81 -0.16 -7.11 -12.30
N LEU B 82 -1.28 -7.59 -12.81
CA LEU B 82 -1.82 -8.87 -12.35
C LEU B 82 -2.82 -9.36 -13.39
N SER B 83 -3.23 -10.61 -13.23
CA SER B 83 -4.18 -11.18 -14.18
C SER B 83 -5.58 -10.60 -13.95
N ASP B 84 -6.41 -10.73 -14.98
CA ASP B 84 -7.79 -10.29 -14.92
C ASP B 84 -8.55 -11.05 -13.83
N ASP B 85 -8.27 -12.35 -13.70
CA ASP B 85 -8.93 -13.14 -12.66
C ASP B 85 -8.49 -12.73 -11.27
N HIS B 86 -7.21 -12.43 -11.09
CA HIS B 86 -6.76 -12.05 -9.75
C HIS B 86 -7.25 -10.65 -9.38
N PHE B 87 -7.33 -9.72 -10.35
CA PHE B 87 -7.86 -8.39 -10.01
C PHE B 87 -9.30 -8.49 -9.56
N GLN B 88 -10.09 -9.30 -10.24
CA GLN B 88 -11.48 -9.49 -9.84
C GLN B 88 -11.59 -10.16 -8.48
N GLN B 89 -10.70 -11.12 -8.18
CA GLN B 89 -10.67 -11.69 -6.84
C GLN B 89 -10.35 -10.62 -5.80
N LEU B 90 -9.37 -9.76 -6.10
CA LEU B 90 -8.99 -8.71 -5.17
C LEU B 90 -10.14 -7.75 -4.90
N VAL B 91 -10.89 -7.37 -5.94
CA VAL B 91 -12.02 -6.45 -5.72
C VAL B 91 -13.14 -7.16 -4.97
N GLU B 92 -13.40 -8.45 -5.26
CA GLU B 92 -14.43 -9.16 -4.50
C GLU B 92 -14.01 -9.44 -3.07
N GLY B 93 -12.75 -9.25 -2.73
CA GLY B 93 -12.27 -9.51 -1.39
C GLY B 93 -11.87 -10.93 -1.12
N LYS B 94 -11.79 -11.77 -2.15
CA LYS B 94 -11.41 -13.17 -1.99
C LYS B 94 -9.94 -13.38 -2.30
N ALA B 95 -9.17 -12.28 -2.39
CA ALA B 95 -7.73 -12.33 -2.53
C ALA B 95 -7.19 -11.07 -1.88
N ASN B 96 -6.03 -11.19 -1.27
CA ASN B 96 -5.39 -10.15 -0.50
C ASN B 96 -4.20 -9.65 -1.30
N ALA B 97 -4.06 -8.33 -1.43
CA ALA B 97 -3.02 -7.78 -2.28
C ALA B 97 -1.64 -8.20 -1.79
N GLN B 98 -1.46 -8.25 -0.48
CA GLN B 98 -0.13 -8.55 0.03
C GLN B 98 0.22 -10.02 -0.20
N ARG B 99 -0.77 -10.91 -0.12
CA ARG B 99 -0.51 -12.32 -0.44
C ARG B 99 -0.30 -12.51 -1.94
N LEU B 100 -1.08 -11.81 -2.77
CA LEU B 100 -0.84 -11.86 -4.21
C LEU B 100 0.57 -11.41 -4.55
N PHE B 101 1.08 -10.38 -3.87
CA PHE B 101 2.44 -9.92 -4.10
C PHE B 101 3.45 -10.97 -3.66
N MET B 102 3.25 -11.55 -2.48
CA MET B 102 4.24 -12.47 -1.92
C MET B 102 4.32 -13.76 -2.72
N THR B 103 3.23 -14.20 -3.34
CA THR B 103 3.23 -15.39 -4.18
C THR B 103 3.53 -15.11 -5.66
N GLY B 104 3.96 -13.91 -6.01
CA GLY B 104 4.30 -13.58 -7.39
C GLY B 104 3.15 -13.29 -8.32
N LYS B 105 1.92 -13.22 -7.80
CA LYS B 105 0.75 -12.98 -8.66
C LYS B 105 0.53 -11.50 -8.98
N LEU B 106 1.04 -10.60 -8.15
CA LEU B 106 0.90 -9.16 -8.37
C LEU B 106 2.28 -8.53 -8.40
N LYS B 107 2.61 -7.82 -9.46
CA LYS B 107 3.86 -7.08 -9.50
C LYS B 107 3.57 -5.60 -9.28
N VAL B 108 4.47 -4.94 -8.55
CA VAL B 108 4.31 -3.57 -8.09
C VAL B 108 5.50 -2.74 -8.54
N LYS B 109 5.24 -1.62 -9.23
CA LYS B 109 6.25 -0.59 -9.41
C LYS B 109 5.84 0.65 -8.63
N GLY B 110 6.82 1.28 -7.98
CA GLY B 110 6.60 2.43 -7.15
C GLY B 110 6.61 2.02 -5.69
N ASN B 111 5.83 2.71 -4.86
CA ASN B 111 5.94 2.59 -3.40
C ASN B 111 5.05 1.43 -2.98
N VAL B 112 5.67 0.37 -2.45
CA VAL B 112 4.90 -0.84 -2.17
C VAL B 112 3.92 -0.61 -1.04
N MET B 113 4.16 0.38 -0.19
CA MET B 113 3.27 0.57 0.94
C MET B 113 1.94 1.19 0.51
N LYS B 114 1.93 1.88 -0.61
CA LYS B 114 0.64 2.30 -1.15
C LYS B 114 -0.04 1.20 -1.95
N ALA B 115 0.73 0.33 -2.59
CA ALA B 115 0.11 -0.86 -3.19
C ALA B 115 -0.55 -1.74 -2.13
N ALA B 116 0.13 -1.94 -0.99
CA ALA B 116 -0.44 -2.71 0.11
C ALA B 116 -1.80 -2.18 0.54
N ALA B 117 -1.98 -0.86 0.46
CA ALA B 117 -3.22 -0.19 0.82
C ALA B 117 -4.22 -0.11 -0.31
N ILE B 118 -4.03 -0.88 -1.39
CA ILE B 118 -4.85 -0.69 -2.59
C ILE B 118 -6.32 -1.01 -2.31
N GLU B 119 -6.62 -2.09 -1.59
CA GLU B 119 -8.05 -2.34 -1.45
C GLU B 119 -8.71 -1.38 -0.47
N GLY B 120 -7.94 -0.78 0.44
CA GLY B 120 -8.46 0.34 1.21
C GLY B 120 -8.68 1.56 0.33
N ILE B 121 -7.70 1.88 -0.51
CA ILE B 121 -7.84 2.96 -1.49
C ILE B 121 -9.06 2.73 -2.37
N LEU B 122 -9.32 1.47 -2.74
CA LEU B 122 -10.38 1.18 -3.68
C LEU B 122 -11.76 1.30 -3.05
N LYS B 123 -11.87 1.07 -1.75
CA LYS B 123 -13.15 1.25 -1.08
C LYS B 123 -13.52 2.72 -0.99
N ASN B 124 -12.73 3.49 -0.25
CA ASN B 124 -13.02 4.91 -0.04
C ASN B 124 -13.04 5.73 -1.32
N ALA B 125 -12.47 5.20 -2.41
CA ALA B 125 -12.52 5.88 -3.71
C ALA B 125 -13.97 6.18 -4.11
N GLN B 126 -14.72 5.13 -4.44
CA GLN B 126 -16.04 5.27 -5.03
C GLN B 126 -17.17 4.99 -4.04
N ASN B 127 -16.88 4.85 -2.74
CA ASN B 127 -17.88 4.45 -1.76
C ASN B 127 -18.94 5.54 -1.62
N ASN B 128 -20.07 5.37 -2.31
CA ASN B 128 -21.22 6.25 -2.20
C ASN B 128 -22.10 5.83 -1.03
#